data_1HUU
#
_entry.id   1HUU
#
_cell.length_a   65.500
_cell.length_b   37.300
_cell.length_c   65.500
_cell.angle_alpha   90.00
_cell.angle_beta   114.50
_cell.angle_gamma   90.00
#
_symmetry.space_group_name_H-M   'P 1 2 1'
#
loop_
_entity.id
_entity.type
_entity.pdbx_description
1 polymer 'PROTEIN HU'
2 water water
#
_entity_poly.entity_id   1
_entity_poly.type   'polypeptide(L)'
_entity_poly.pdbx_seq_one_letter_code
;MNKTELINAVAETSGLSKKDATKAVDAVFDSITEALRKGDKVQLIGFGNFEVRERAARKGRNPQTGEEMEIPASKVPAFK
PGKALKDAVK
;
_entity_poly.pdbx_strand_id   A,B,C
#
# COMPACT_ATOMS: atom_id res chain seq x y z
N MET A 1 1.35 6.49 8.00
CA MET A 1 0.94 7.09 6.71
C MET A 1 1.30 8.56 6.76
N ASN A 2 2.03 9.07 5.77
CA ASN A 2 2.35 10.48 5.75
C ASN A 2 1.52 11.14 4.64
N LYS A 3 1.70 12.44 4.41
CA LYS A 3 0.95 13.17 3.38
C LYS A 3 1.10 12.61 1.96
N THR A 4 2.33 12.28 1.58
CA THR A 4 2.60 11.74 0.25
C THR A 4 1.83 10.45 0.04
N GLU A 5 1.86 9.60 1.05
CA GLU A 5 1.14 8.35 0.97
C GLU A 5 -0.37 8.57 0.94
N LEU A 6 -0.87 9.56 1.66
CA LEU A 6 -2.32 9.87 1.66
C LEU A 6 -2.75 10.30 0.25
N ILE A 7 -1.95 11.17 -0.36
CA ILE A 7 -2.19 11.64 -1.73
C ILE A 7 -2.20 10.44 -2.72
N ASN A 8 -1.26 9.51 -2.56
CA ASN A 8 -1.21 8.35 -3.43
C ASN A 8 -2.48 7.53 -3.24
N ALA A 9 -2.90 7.34 -1.99
CA ALA A 9 -4.12 6.56 -1.72
C ALA A 9 -5.37 7.26 -2.32
N VAL A 10 -5.43 8.58 -2.18
CA VAL A 10 -6.54 9.35 -2.74
C VAL A 10 -6.57 9.21 -4.26
N ALA A 11 -5.41 9.33 -4.90
CA ALA A 11 -5.30 9.22 -6.37
C ALA A 11 -5.78 7.85 -6.85
N GLU A 12 -5.28 6.81 -6.19
CA GLU A 12 -5.59 5.43 -6.54
C GLU A 12 -7.06 5.06 -6.39
N THR A 13 -7.71 5.49 -5.31
CA THR A 13 -9.12 5.16 -5.14
C THR A 13 -10.13 6.08 -5.82
N SER A 14 -9.76 7.33 -6.10
CA SER A 14 -10.68 8.27 -6.74
C SER A 14 -10.58 8.35 -8.26
N GLY A 15 -9.45 7.90 -8.82
CA GLY A 15 -9.26 8.00 -10.26
C GLY A 15 -8.65 9.35 -10.69
N LEU A 16 -8.33 10.23 -9.74
CA LEU A 16 -7.74 11.51 -10.10
C LEU A 16 -6.26 11.29 -10.35
N SER A 17 -5.61 12.21 -11.04
CA SER A 17 -4.16 12.10 -11.27
C SER A 17 -3.48 12.53 -9.94
N LYS A 18 -2.21 12.20 -9.78
CA LYS A 18 -1.51 12.58 -8.54
C LYS A 18 -1.43 14.09 -8.37
N LYS A 19 -1.37 14.82 -9.48
CA LYS A 19 -1.31 16.28 -9.42
C LYS A 19 -2.62 16.84 -8.88
N ASP A 20 -3.75 16.33 -9.40
CA ASP A 20 -5.07 16.76 -8.95
C ASP A 20 -5.34 16.29 -7.50
N ALA A 21 -4.93 15.06 -7.18
CA ALA A 21 -5.11 14.55 -5.82
C ALA A 21 -4.35 15.42 -4.82
N THR A 22 -3.20 15.94 -5.25
CA THR A 22 -2.40 16.80 -4.38
C THR A 22 -3.17 18.07 -4.10
N LYS A 23 -3.69 18.67 -5.16
CA LYS A 23 -4.43 19.92 -5.05
C LYS A 23 -5.60 19.77 -4.10
N ALA A 24 -6.35 18.68 -4.28
CA ALA A 24 -7.52 18.38 -3.45
C ALA A 24 -7.18 18.14 -1.96
N VAL A 25 -6.08 17.44 -1.69
CA VAL A 25 -5.65 17.17 -0.32
C VAL A 25 -5.24 18.47 0.39
N ASP A 26 -4.48 19.31 -0.31
CA ASP A 26 -4.07 20.58 0.25
C ASP A 26 -5.29 21.44 0.52
N ALA A 27 -6.24 21.49 -0.44
CA ALA A 27 -7.46 22.29 -0.29
C ALA A 27 -8.32 21.86 0.91
N VAL A 28 -8.41 20.55 1.16
CA VAL A 28 -9.15 20.02 2.29
C VAL A 28 -8.54 20.60 3.57
N PHE A 29 -7.25 20.38 3.73
CA PHE A 29 -6.60 20.87 4.94
C PHE A 29 -6.49 22.38 5.05
N ASP A 30 -6.27 23.08 3.94
CA ASP A 30 -6.23 24.56 4.01
C ASP A 30 -7.64 25.10 4.36
N SER A 31 -8.68 24.48 3.81
CA SER A 31 -10.05 24.93 4.07
C SER A 31 -10.41 24.75 5.54
N ILE A 32 -10.09 23.58 6.09
CA ILE A 32 -10.38 23.31 7.49
C ILE A 32 -9.63 24.30 8.38
N THR A 33 -8.37 24.60 8.03
CA THR A 33 -7.57 25.57 8.80
C THR A 33 -8.19 26.99 8.74
N GLU A 34 -8.65 27.38 7.56
CA GLU A 34 -9.26 28.69 7.37
C GLU A 34 -10.57 28.80 8.17
N ALA A 35 -11.39 27.77 8.11
CA ALA A 35 -12.65 27.77 8.86
C ALA A 35 -12.38 27.96 10.37
N LEU A 36 -11.39 27.25 10.91
CA LEU A 36 -11.06 27.37 12.33
C LEU A 36 -10.53 28.75 12.66
N ARG A 37 -9.72 29.29 11.75
CA ARG A 37 -9.14 30.62 11.88
C ARG A 37 -10.27 31.63 12.11
N LYS A 38 -11.33 31.50 11.31
CA LYS A 38 -12.52 32.35 11.40
C LYS A 38 -13.35 32.06 12.64
N GLY A 39 -13.02 30.97 13.34
CA GLY A 39 -13.72 30.60 14.55
C GLY A 39 -14.96 29.77 14.27
N ASP A 40 -15.03 29.20 13.09
CA ASP A 40 -16.18 28.37 12.71
C ASP A 40 -15.85 26.96 13.20
N LYS A 41 -16.85 26.08 13.18
CA LYS A 41 -16.69 24.69 13.55
C LYS A 41 -16.85 23.87 12.29
N VAL A 42 -16.01 22.86 12.13
CA VAL A 42 -16.05 22.01 10.96
C VAL A 42 -16.64 20.70 11.44
N GLN A 43 -17.86 20.41 10.96
CA GLN A 43 -18.60 19.21 11.32
C GLN A 43 -18.69 18.30 10.12
N LEU A 44 -18.04 17.14 10.22
CA LEU A 44 -17.99 16.15 9.16
C LEU A 44 -18.68 14.87 9.58
N ILE A 45 -19.83 14.59 8.97
CA ILE A 45 -20.60 13.38 9.29
C ILE A 45 -19.76 12.12 9.20
N GLY A 46 -19.83 11.29 10.24
CA GLY A 46 -19.07 10.06 10.26
C GLY A 46 -17.66 10.15 10.81
N PHE A 47 -16.93 11.19 10.43
CA PHE A 47 -15.56 11.34 10.88
C PHE A 47 -15.40 12.00 12.26
N GLY A 48 -15.80 13.26 12.35
CA GLY A 48 -15.67 13.97 13.61
C GLY A 48 -15.77 15.47 13.42
N ASN A 49 -15.54 16.21 14.49
CA ASN A 49 -15.64 17.66 14.42
C ASN A 49 -14.37 18.34 14.91
N PHE A 50 -14.06 19.47 14.29
CA PHE A 50 -12.91 20.30 14.62
C PHE A 50 -13.51 21.60 15.15
N GLU A 51 -12.90 22.16 16.19
CA GLU A 51 -13.35 23.40 16.78
C GLU A 51 -12.20 24.03 17.55
N VAL A 52 -12.37 25.28 17.94
CA VAL A 52 -11.33 26.00 18.67
C VAL A 52 -11.87 26.25 20.08
N ARG A 53 -11.04 26.00 21.08
CA ARG A 53 -11.44 26.21 22.47
C ARG A 53 -10.52 27.28 23.02
N GLU A 54 -11.01 28.13 23.90
CA GLU A 54 -10.13 29.13 24.50
C GLU A 54 -9.74 28.61 25.86
N ARG A 55 -8.45 28.71 26.13
CA ARG A 55 -7.88 28.29 27.41
C ARG A 55 -7.84 29.59 28.23
N ALA A 56 -8.47 29.54 29.41
CA ALA A 56 -8.58 30.70 30.28
C ALA A 56 -7.32 31.35 30.83
N ALA A 57 -7.36 32.68 30.92
CA ALA A 57 -6.28 33.48 31.49
C ALA A 57 -6.17 33.05 32.94
N ARG A 58 -4.96 33.10 33.47
CA ARG A 58 -4.73 32.67 34.84
C ARG A 58 -3.29 32.99 35.26
N MET A 69 -3.08 33.07 36.57
CA MET A 69 -1.75 33.25 37.17
C MET A 69 -0.69 34.14 36.40
N GLU A 70 -1.22 35.14 35.68
CA GLU A 70 -0.39 36.04 34.87
C GLU A 70 0.17 35.25 33.68
N ILE A 71 -0.72 34.46 33.10
CA ILE A 71 -0.47 33.63 31.92
C ILE A 71 -1.71 34.00 31.16
N PRO A 72 -1.56 34.60 29.97
CA PRO A 72 -2.69 35.02 29.14
C PRO A 72 -3.53 33.87 28.57
N ALA A 73 -4.71 34.22 28.04
CA ALA A 73 -5.60 33.25 27.43
C ALA A 73 -5.00 32.92 26.07
N SER A 74 -5.34 31.75 25.55
CA SER A 74 -4.84 31.29 24.26
C SER A 74 -5.88 30.39 23.60
N LYS A 75 -5.76 30.19 22.30
CA LYS A 75 -6.72 29.37 21.58
C LYS A 75 -6.12 28.05 21.17
N VAL A 76 -6.89 27.00 21.32
CA VAL A 76 -6.46 25.65 21.03
C VAL A 76 -7.34 24.92 20.03
N PRO A 77 -6.77 24.46 18.90
CA PRO A 77 -7.59 23.73 17.93
C PRO A 77 -7.80 22.32 18.54
N ALA A 78 -9.00 21.77 18.38
CA ALA A 78 -9.34 20.47 18.94
C ALA A 78 -10.17 19.65 17.96
N PHE A 79 -10.17 18.34 18.16
CA PHE A 79 -10.94 17.41 17.31
C PHE A 79 -11.73 16.44 18.20
N LYS A 80 -12.98 16.20 17.85
CA LYS A 80 -13.82 15.27 18.59
C LYS A 80 -14.21 14.21 17.59
N PRO A 81 -13.79 12.96 17.81
CA PRO A 81 -14.15 11.88 16.87
C PRO A 81 -15.65 11.52 16.87
N GLY A 82 -16.18 11.24 15.69
CA GLY A 82 -17.57 10.87 15.56
C GLY A 82 -17.73 9.39 15.83
N LYS A 83 -18.97 8.97 16.08
CA LYS A 83 -19.28 7.56 16.37
C LYS A 83 -18.74 6.61 15.30
N ALA A 84 -18.86 7.02 14.03
CA ALA A 84 -18.39 6.17 12.93
C ALA A 84 -16.91 5.85 13.03
N LEU A 85 -16.08 6.87 13.32
CA LEU A 85 -14.64 6.65 13.46
C LEU A 85 -14.35 5.86 14.73
N LYS A 86 -15.07 6.17 15.80
CA LYS A 86 -14.86 5.45 17.06
C LYS A 86 -15.11 3.97 16.87
N ASP A 87 -16.14 3.62 16.11
CA ASP A 87 -16.47 2.22 15.90
C ASP A 87 -15.55 1.46 14.95
N ALA A 88 -15.02 2.15 13.95
CA ALA A 88 -14.14 1.52 12.98
C ALA A 88 -12.82 1.17 13.60
N VAL A 89 -12.41 1.95 14.58
CA VAL A 89 -11.13 1.78 15.23
C VAL A 89 -11.08 0.76 16.37
N LYS A 90 -12.22 0.52 17.00
CA LYS A 90 -12.33 -0.39 18.15
C LYS A 90 -11.98 -1.86 17.91
N MET B 1 -16.70 -30.90 -3.57
CA MET B 1 -16.13 -30.54 -4.90
C MET B 1 -14.63 -30.69 -4.84
N ASN B 2 -14.07 -31.37 -5.84
CA ASN B 2 -12.62 -31.56 -5.93
C ASN B 2 -12.10 -30.69 -7.09
N LYS B 3 -10.81 -30.76 -7.43
CA LYS B 3 -10.25 -29.95 -8.51
C LYS B 3 -10.86 -30.26 -9.88
N THR B 4 -11.08 -31.54 -10.16
CA THR B 4 -11.69 -31.98 -11.42
C THR B 4 -13.08 -31.36 -11.60
N GLU B 5 -13.87 -31.39 -10.53
CA GLU B 5 -15.22 -30.82 -10.54
C GLU B 5 -15.16 -29.32 -10.67
N LEU B 6 -14.15 -28.69 -10.06
CA LEU B 6 -13.99 -27.24 -10.16
C LEU B 6 -13.66 -26.88 -11.62
N ILE B 7 -12.75 -27.65 -12.22
CA ILE B 7 -12.36 -27.40 -13.61
C ILE B 7 -13.59 -27.48 -14.54
N ASN B 8 -14.40 -28.53 -14.36
CA ASN B 8 -15.59 -28.71 -15.15
C ASN B 8 -16.54 -27.51 -14.98
N ALA B 9 -16.71 -27.04 -13.75
CA ALA B 9 -17.57 -25.90 -13.46
C ALA B 9 -17.09 -24.65 -14.15
N VAL B 10 -15.78 -24.43 -14.16
CA VAL B 10 -15.22 -23.27 -14.81
C VAL B 10 -15.43 -23.35 -16.32
N ALA B 11 -15.19 -24.53 -16.91
CA ALA B 11 -15.37 -24.70 -18.36
C ALA B 11 -16.82 -24.45 -18.79
N GLU B 12 -17.74 -25.01 -18.00
CA GLU B 12 -19.15 -24.88 -18.26
C GLU B 12 -19.63 -23.46 -18.18
N THR B 13 -19.18 -22.74 -17.15
CA THR B 13 -19.64 -21.37 -17.00
C THR B 13 -18.90 -20.33 -17.85
N SER B 14 -17.65 -20.60 -18.20
CA SER B 14 -16.90 -19.63 -18.98
C SER B 14 -16.93 -19.90 -20.49
N GLY B 15 -17.30 -21.12 -20.90
CA GLY B 15 -17.33 -21.47 -22.31
C GLY B 15 -15.97 -21.93 -22.83
N LEU B 16 -15.01 -22.03 -21.93
CA LEU B 16 -13.67 -22.48 -22.27
C LEU B 16 -13.70 -23.98 -22.41
N SER B 17 -12.74 -24.55 -23.13
CA SER B 17 -12.66 -25.99 -23.25
C SER B 17 -12.05 -26.50 -21.94
N LYS B 18 -12.17 -27.81 -21.69
CA LYS B 18 -11.61 -28.40 -20.47
C LYS B 18 -10.08 -28.19 -20.32
N LYS B 19 -9.35 -28.32 -21.41
CA LYS B 19 -7.91 -28.11 -21.36
C LYS B 19 -7.57 -26.66 -21.03
N ASP B 20 -8.28 -25.71 -21.63
CA ASP B 20 -8.03 -24.30 -21.35
C ASP B 20 -8.46 -23.98 -19.92
N ALA B 21 -9.50 -24.66 -19.45
CA ALA B 21 -9.99 -24.44 -18.09
C ALA B 21 -8.96 -25.02 -17.09
N THR B 22 -8.32 -26.12 -17.44
CA THR B 22 -7.32 -26.69 -16.57
C THR B 22 -6.15 -25.70 -16.43
N LYS B 23 -5.70 -25.15 -17.56
CA LYS B 23 -4.61 -24.20 -17.55
C LYS B 23 -4.97 -23.01 -16.67
N ALA B 24 -6.18 -22.47 -16.87
CA ALA B 24 -6.65 -21.31 -16.09
C ALA B 24 -6.74 -21.60 -14.59
N VAL B 25 -7.21 -22.79 -14.21
CA VAL B 25 -7.30 -23.12 -12.80
C VAL B 25 -5.90 -23.28 -12.20
N ASP B 26 -5.03 -24.03 -12.88
CA ASP B 26 -3.66 -24.23 -12.39
C ASP B 26 -2.92 -22.90 -12.25
N ALA B 27 -3.13 -21.99 -13.21
CA ALA B 27 -2.48 -20.69 -13.19
C ALA B 27 -2.90 -19.85 -11.99
N VAL B 28 -4.17 -19.89 -11.65
CA VAL B 28 -4.70 -19.15 -10.49
C VAL B 28 -4.01 -19.60 -9.20
N PHE B 29 -4.00 -20.89 -8.91
CA PHE B 29 -3.37 -21.35 -7.67
C PHE B 29 -1.85 -21.29 -7.65
N ASP B 30 -1.21 -21.50 -8.80
CA ASP B 30 0.24 -21.40 -8.90
C ASP B 30 0.65 -19.96 -8.69
N SER B 31 -0.10 -18.99 -9.22
CA SER B 31 0.22 -17.57 -9.06
C SER B 31 0.07 -17.09 -7.62
N ILE B 32 -0.97 -17.57 -6.95
CA ILE B 32 -1.21 -17.19 -5.56
C ILE B 32 -0.06 -17.81 -4.72
N THR B 33 0.27 -19.05 -5.02
CA THR B 33 1.37 -19.70 -4.34
C THR B 33 2.71 -18.96 -4.52
N GLU B 34 3.01 -18.50 -5.73
CA GLU B 34 4.25 -17.78 -6.01
C GLU B 34 4.29 -16.46 -5.24
N ALA B 35 3.15 -15.76 -5.23
CA ALA B 35 3.06 -14.48 -4.54
C ALA B 35 3.34 -14.62 -3.03
N LEU B 36 2.77 -15.65 -2.41
CA LEU B 36 3.01 -15.88 -0.98
C LEU B 36 4.46 -16.30 -0.73
N ARG B 37 5.01 -17.08 -1.65
CA ARG B 37 6.40 -17.55 -1.57
C ARG B 37 7.36 -16.35 -1.44
N LYS B 38 7.03 -15.26 -2.14
CA LYS B 38 7.81 -14.02 -2.11
C LYS B 38 7.44 -13.08 -0.98
N GLY B 39 6.52 -13.50 -0.11
CA GLY B 39 6.11 -12.64 1.00
C GLY B 39 5.09 -11.58 0.66
N ASP B 40 4.41 -11.73 -0.48
CA ASP B 40 3.39 -10.77 -0.92
C ASP B 40 2.06 -11.18 -0.26
N LYS B 41 1.07 -10.32 -0.36
CA LYS B 41 -0.27 -10.57 0.14
C LYS B 41 -1.18 -10.55 -1.08
N VAL B 42 -2.11 -11.50 -1.15
CA VAL B 42 -3.05 -11.60 -2.26
C VAL B 42 -4.40 -11.16 -1.70
N GLN B 43 -4.90 -10.06 -2.24
CA GLN B 43 -6.16 -9.48 -1.78
C GLN B 43 -7.15 -9.59 -2.92
N LEU B 44 -8.15 -10.45 -2.75
CA LEU B 44 -9.16 -10.67 -3.78
C LEU B 44 -10.50 -10.08 -3.35
N ILE B 45 -10.81 -8.89 -3.86
CA ILE B 45 -12.04 -8.22 -3.51
C ILE B 45 -13.20 -9.16 -3.76
N GLY B 46 -14.09 -9.25 -2.78
CA GLY B 46 -15.25 -10.11 -2.93
C GLY B 46 -14.99 -11.55 -2.54
N PHE B 47 -13.76 -11.92 -2.21
CA PHE B 47 -13.52 -13.30 -1.81
C PHE B 47 -12.81 -13.37 -0.47
N GLY B 48 -11.59 -12.81 -0.41
CA GLY B 48 -10.82 -12.80 0.81
C GLY B 48 -9.37 -12.52 0.52
N ASN B 49 -8.54 -12.62 1.55
CA ASN B 49 -7.11 -12.35 1.39
C ASN B 49 -6.24 -13.52 1.87
N PHE B 50 -5.15 -13.77 1.17
CA PHE B 50 -4.22 -14.80 1.57
C PHE B 50 -2.97 -14.03 2.00
N GLU B 51 -2.33 -14.48 3.09
CA GLU B 51 -1.10 -13.85 3.58
C GLU B 51 -0.24 -14.88 4.33
N VAL B 52 1.02 -14.56 4.57
CA VAL B 52 1.92 -15.46 5.31
C VAL B 52 2.08 -14.88 6.73
N ARG B 53 1.79 -15.70 7.73
CA ARG B 53 1.94 -15.27 9.12
C ARG B 53 3.15 -15.95 9.72
N GLU B 54 3.88 -15.22 10.54
CA GLU B 54 5.08 -15.75 11.16
C GLU B 54 4.80 -16.30 12.55
N ARG B 55 4.90 -17.61 12.71
CA ARG B 55 4.72 -18.21 14.03
C ARG B 55 6.10 -17.96 14.61
N ALA B 56 6.17 -17.47 15.85
CA ALA B 56 7.45 -17.20 16.50
C ALA B 56 8.47 -18.36 16.34
N ALA B 73 9.05 -18.44 15.14
CA ALA B 73 10.04 -19.42 14.65
C ALA B 73 9.81 -19.78 13.16
N SER B 74 8.56 -20.10 12.79
CA SER B 74 8.23 -20.49 11.41
C SER B 74 7.14 -19.66 10.70
N LYS B 75 6.88 -19.97 9.43
CA LYS B 75 5.88 -19.25 8.63
C LYS B 75 4.70 -20.11 8.21
N VAL B 76 3.51 -19.53 8.17
CA VAL B 76 2.30 -20.26 7.76
C VAL B 76 1.39 -19.45 6.85
N PRO B 77 0.81 -20.10 5.83
CA PRO B 77 -0.10 -19.42 4.88
C PRO B 77 -1.47 -19.27 5.60
N ALA B 78 -2.13 -18.14 5.43
CA ALA B 78 -3.39 -17.93 6.10
C ALA B 78 -4.38 -17.27 5.13
N PHE B 79 -5.66 -17.48 5.41
CA PHE B 79 -6.73 -16.90 4.59
C PHE B 79 -7.74 -16.15 5.46
N LYS B 80 -8.12 -14.94 5.02
CA LYS B 80 -9.08 -14.13 5.74
C LYS B 80 -10.26 -13.92 4.81
N PRO B 81 -11.44 -14.52 5.11
CA PRO B 81 -12.63 -14.35 4.26
C PRO B 81 -13.17 -12.93 4.15
N GLY B 82 -13.58 -12.55 2.95
CA GLY B 82 -14.15 -11.23 2.78
C GLY B 82 -15.63 -11.23 3.13
N LYS B 83 -16.16 -10.01 3.33
CA LYS B 83 -17.57 -9.71 3.66
C LYS B 83 -18.57 -10.46 2.77
N ALA B 84 -18.38 -10.39 1.44
CA ALA B 84 -19.26 -11.08 0.49
C ALA B 84 -19.33 -12.58 0.76
N LEU B 85 -18.16 -13.21 0.91
CA LEU B 85 -18.07 -14.65 1.19
C LEU B 85 -18.74 -15.04 2.52
N LYS B 86 -18.50 -14.26 3.57
CA LYS B 86 -19.14 -14.55 4.86
C LYS B 86 -20.65 -14.40 4.73
N ASP B 87 -21.07 -13.40 3.99
CA ASP B 87 -22.49 -13.19 3.80
C ASP B 87 -23.11 -14.32 3.00
N ALA B 88 -22.37 -14.85 2.04
CA ALA B 88 -22.86 -15.94 1.20
C ALA B 88 -23.10 -17.25 1.94
N VAL B 89 -22.22 -17.60 2.88
CA VAL B 89 -22.36 -18.85 3.62
C VAL B 89 -23.34 -18.76 4.81
N LYS B 90 -23.83 -17.57 5.11
CA LYS B 90 -24.77 -17.38 6.21
C LYS B 90 -26.15 -17.91 5.84
N MET C 1 31.26 -6.37 -5.76
CA MET C 1 30.72 -5.93 -7.07
C MET C 1 30.52 -4.42 -7.04
N ASN C 2 31.13 -3.69 -7.99
CA ASN C 2 30.95 -2.25 -8.04
C ASN C 2 29.94 -1.97 -9.11
N LYS C 3 29.64 -0.70 -9.35
CA LYS C 3 28.64 -0.30 -10.34
C LYS C 3 28.97 -0.72 -11.77
N THR C 4 30.24 -0.59 -12.11
CA THR C 4 30.70 -0.96 -13.43
C THR C 4 30.43 -2.43 -13.73
N GLU C 5 30.61 -3.29 -12.75
CA GLU C 5 30.36 -4.71 -12.90
C GLU C 5 28.84 -5.02 -12.95
N LEU C 6 28.05 -4.26 -12.22
CA LEU C 6 26.60 -4.45 -12.20
C LEU C 6 26.04 -4.11 -13.61
N ILE C 7 26.49 -2.98 -14.16
CA ILE C 7 26.08 -2.54 -15.49
C ILE C 7 26.44 -3.63 -16.50
N ASN C 8 27.63 -4.23 -16.35
CA ASN C 8 28.11 -5.31 -17.22
C ASN C 8 27.16 -6.49 -17.12
N ALA C 9 26.81 -6.88 -15.89
CA ALA C 9 25.92 -8.00 -15.64
C ALA C 9 24.52 -7.78 -16.23
N VAL C 10 23.98 -6.58 -16.07
CA VAL C 10 22.68 -6.22 -16.62
C VAL C 10 22.69 -6.30 -18.16
N ALA C 11 23.70 -5.69 -18.80
CA ALA C 11 23.85 -5.71 -20.28
C ALA C 11 23.91 -7.14 -20.78
N GLU C 12 24.82 -7.92 -20.20
CA GLU C 12 25.00 -9.31 -20.56
C GLU C 12 23.73 -10.14 -20.38
N THR C 13 23.04 -9.96 -19.26
CA THR C 13 21.81 -10.69 -18.95
C THR C 13 20.60 -10.24 -19.79
N SER C 14 20.46 -8.94 -19.97
CA SER C 14 19.32 -8.39 -20.68
C SER C 14 19.43 -8.29 -22.20
N GLY C 15 20.63 -8.45 -22.74
CA GLY C 15 20.78 -8.35 -24.18
C GLY C 15 20.79 -6.90 -24.59
N LEU C 16 21.03 -6.02 -23.63
CA LEU C 16 21.08 -4.60 -23.91
C LEU C 16 22.52 -4.16 -24.10
N SER C 17 22.71 -3.06 -24.81
CA SER C 17 24.03 -2.52 -25.01
C SER C 17 24.53 -1.89 -23.70
N LYS C 18 25.84 -1.75 -23.56
CA LYS C 18 26.46 -1.15 -22.39
C LYS C 18 25.91 0.23 -22.07
N LYS C 19 25.72 1.03 -23.12
CA LYS C 19 25.22 2.39 -23.02
C LYS C 19 23.79 2.44 -22.47
N ASP C 20 22.95 1.54 -22.94
CA ASP C 20 21.57 1.50 -22.46
C ASP C 20 21.45 0.88 -21.07
N ALA C 21 22.29 -0.10 -20.79
CA ALA C 21 22.32 -0.76 -19.50
C ALA C 21 22.82 0.28 -18.49
N THR C 22 23.68 1.18 -18.94
CA THR C 22 24.19 2.26 -18.09
C THR C 22 23.02 3.22 -17.75
N LYS C 23 22.28 3.62 -18.79
CA LYS C 23 21.13 4.54 -18.64
C LYS C 23 20.08 3.95 -17.71
N ALA C 24 19.74 2.68 -17.93
CA ALA C 24 18.74 1.98 -17.13
C ALA C 24 19.18 1.81 -15.67
N VAL C 25 20.42 1.42 -15.42
CA VAL C 25 20.89 1.25 -14.04
C VAL C 25 20.83 2.59 -13.32
N ASP C 26 21.24 3.66 -13.97
CA ASP C 26 21.21 5.00 -13.38
C ASP C 26 19.77 5.44 -13.12
N ALA C 27 18.87 5.19 -14.07
CA ALA C 27 17.45 5.58 -13.93
C ALA C 27 16.82 4.93 -12.70
N VAL C 28 17.14 3.65 -12.49
CA VAL C 28 16.63 2.89 -11.36
C VAL C 28 17.02 3.56 -10.05
N PHE C 29 18.32 3.89 -9.90
CA PHE C 29 18.78 4.46 -8.65
C PHE C 29 18.39 5.90 -8.44
N ASP C 30 18.24 6.64 -9.54
CA ASP C 30 17.79 8.04 -9.49
C ASP C 30 16.28 8.11 -9.18
N SER C 31 15.49 7.18 -9.71
CA SER C 31 14.03 7.15 -9.45
C SER C 31 13.76 6.83 -7.98
N ILE C 32 14.47 5.84 -7.43
CA ILE C 32 14.32 5.48 -6.03
C ILE C 32 14.68 6.69 -5.16
N THR C 33 15.80 7.35 -5.45
CA THR C 33 16.23 8.53 -4.71
C THR C 33 15.16 9.62 -4.74
N GLU C 34 14.62 9.87 -5.93
CA GLU C 34 13.60 10.91 -6.08
C GLU C 34 12.30 10.58 -5.32
N ALA C 35 11.86 9.32 -5.34
CA ALA C 35 10.68 8.90 -4.58
C ALA C 35 10.88 9.14 -3.08
N LEU C 36 12.01 8.71 -2.54
CA LEU C 36 12.34 8.92 -1.12
C LEU C 36 12.40 10.40 -0.74
N ARG C 37 13.00 11.23 -1.61
CA ARG C 37 13.09 12.67 -1.39
C ARG C 37 11.68 13.27 -1.24
N LYS C 38 10.71 12.68 -1.93
CA LYS C 38 9.32 13.10 -1.87
C LYS C 38 8.52 12.50 -0.69
N GLY C 39 9.16 11.66 0.11
CA GLY C 39 8.46 11.07 1.25
C GLY C 39 7.73 9.79 0.95
N ASP C 40 7.87 9.31 -0.27
CA ASP C 40 7.23 8.07 -0.71
C ASP C 40 8.10 6.87 -0.24
N LYS C 41 7.54 5.67 -0.35
CA LYS C 41 8.26 4.45 -0.02
C LYS C 41 8.40 3.73 -1.34
N VAL C 42 9.42 2.89 -1.49
CA VAL C 42 9.57 2.11 -2.72
C VAL C 42 9.46 0.66 -2.30
N GLN C 43 8.44 -0.01 -2.80
CA GLN C 43 8.18 -1.38 -2.43
C GLN C 43 8.38 -2.31 -3.58
N LEU C 44 9.41 -3.15 -3.48
CA LEU C 44 9.72 -4.09 -4.53
C LEU C 44 9.44 -5.47 -3.99
N ILE C 45 8.38 -6.10 -4.48
CA ILE C 45 8.02 -7.42 -4.01
C ILE C 45 9.13 -8.43 -4.17
N GLY C 46 9.41 -9.10 -3.07
CA GLY C 46 10.47 -10.08 -3.03
C GLY C 46 11.78 -9.48 -2.54
N PHE C 47 12.21 -8.39 -3.19
CA PHE C 47 13.48 -7.74 -2.84
C PHE C 47 13.51 -7.02 -1.49
N GLY C 48 12.66 -6.02 -1.31
CA GLY C 48 12.62 -5.29 -0.06
C GLY C 48 12.02 -3.94 -0.30
N ASN C 49 11.87 -3.15 0.77
CA ASN C 49 11.32 -1.80 0.68
C ASN C 49 12.34 -0.73 1.12
N PHE C 50 12.30 0.43 0.45
CA PHE C 50 13.11 1.58 0.77
C PHE C 50 12.13 2.61 1.33
N GLU C 51 12.48 3.21 2.47
CA GLU C 51 11.63 4.21 3.11
C GLU C 51 12.51 5.22 3.79
N VAL C 52 11.92 6.33 4.21
CA VAL C 52 12.64 7.37 4.92
C VAL C 52 12.09 7.39 6.34
N ARG C 53 12.97 7.33 7.33
CA ARG C 53 12.56 7.35 8.74
C ARG C 53 12.82 8.70 9.38
N GLU C 54 11.89 9.11 10.23
CA GLU C 54 11.96 10.42 10.88
C GLU C 54 13.16 10.63 11.74
N ARG C 55 13.86 11.68 11.33
CA ARG C 55 15.15 12.15 11.83
C ARG C 55 15.66 12.56 10.42
N LYS C 75 15.13 11.82 9.45
CA LYS C 75 15.38 11.93 8.02
C LYS C 75 16.59 11.09 7.63
N VAL C 76 16.38 9.78 7.68
CA VAL C 76 17.42 8.84 7.31
C VAL C 76 16.81 7.80 6.37
N PRO C 77 17.51 7.46 5.25
CA PRO C 77 16.97 6.46 4.32
C PRO C 77 17.19 5.08 4.94
N ALA C 78 16.28 4.15 4.70
CA ALA C 78 16.41 2.81 5.26
C ALA C 78 15.93 1.79 4.25
N PHE C 79 16.31 0.55 4.45
CA PHE C 79 15.92 -0.52 3.57
C PHE C 79 15.48 -1.66 4.45
N LYS C 80 14.36 -2.28 4.10
CA LYS C 80 13.86 -3.46 4.82
C LYS C 80 13.87 -4.61 3.81
N PRO C 81 14.71 -5.61 4.04
CA PRO C 81 14.74 -6.71 3.09
C PRO C 81 13.46 -7.57 3.03
N GLY C 82 13.14 -8.03 1.83
CA GLY C 82 11.97 -8.86 1.61
C GLY C 82 12.29 -10.31 1.85
N LYS C 83 11.26 -11.14 1.85
CA LYS C 83 11.42 -12.58 2.11
C LYS C 83 12.25 -13.33 1.09
N ALA C 84 12.14 -12.97 -0.18
CA ALA C 84 12.87 -13.66 -1.21
C ALA C 84 14.35 -13.38 -1.06
N LEU C 85 14.71 -12.13 -0.77
CA LEU C 85 16.10 -11.77 -0.55
C LEU C 85 16.67 -12.49 0.70
N LYS C 86 15.92 -12.49 1.78
CA LYS C 86 16.33 -13.16 3.00
C LYS C 86 16.49 -14.66 2.76
N ASP C 87 15.58 -15.23 1.97
CA ASP C 87 15.62 -16.63 1.65
C ASP C 87 16.84 -16.97 0.82
N ALA C 88 17.19 -16.08 -0.11
CA ALA C 88 18.34 -16.24 -0.99
C ALA C 88 19.71 -16.24 -0.30
N VAL C 89 19.86 -15.49 0.78
CA VAL C 89 21.15 -15.44 1.49
C VAL C 89 21.24 -16.29 2.75
N LYS C 90 20.09 -16.75 3.25
CA LYS C 90 20.04 -17.59 4.45
C LYS C 90 20.85 -18.87 4.22
#